data_8RQQ
#
_entry.id   8RQQ
#
_cell.length_a   39.690
_cell.length_b   180.440
_cell.length_c   141.500
_cell.angle_alpha   90.000
_cell.angle_beta   90.000
_cell.angle_gamma   90.000
#
_symmetry.space_group_name_H-M   'C 2 2 21'
#
loop_
_entity.id
_entity.type
_entity.pdbx_description
1 polymer 'Adenosine receptor A2a,Soluble cytochrome b562'
2 non-polymer 4-{2-[(7-amino-2-furan-2-yl[1,2,4]triazolo[1,5-a][1,3,5]triazin-5-yl)amino]ethyl}phenol
3 non-polymer CHOLESTEROL
4 non-polymer '7.10 monoacylglycerol (S-form)'
5 non-polymer '7.10 monoacylglycerol (R-form)'
6 non-polymer GLYCEROL
7 non-polymer 'SODIUM ION'
8 water water
#
_entity_poly.entity_id   1
_entity_poly.type   'polypeptide(L)'
_entity_poly.pdbx_seq_one_letter_code
;MKTIIALSYIFCLVFADYKDDDDGAPPIMGSSVYITVELAIAVLAILGNVLVCWAVWLNSNLQNVTNYFVVSLAAADIAV
GVLAIPFAITISTGFCAACHGCLFIACFVLVLTQSSIFSLLAIAIDRYIAIRIPLRYNGLVTGTRAKGIIAICWVLSFAI
GLTPMLGWNNCGQPKEGKNHSQGCGEGQVACLFEDVVPMNYMVYFNFFACVLVPLLLMLGVYLRIFLAARRQLADLEDNW
ETLNDNLKVIEKADNAAQVKDALTKMRAAALDAQKATPPKLEDKSPDSPEMKDFRHGFDILVGQIDDALKLANEGKVKEA
QAAAEQLKTTRNAYIQKYLERARSTLQKEVHAAKSLAIIVGLFALCWLPLHIINCFTFFCPDCSHAPLWLMYLAIVLSHT
NSVVNPFIYAYRIREFRQTFRKIIRSHVLRQQEPFKAHHHHHHHHHH
;
_entity_poly.pdbx_strand_id   A
#
# COMPACT_ATOMS: atom_id res chain seq x y z
N GLY A 24 -27.68 -37.23 1.42
CA GLY A 24 -26.72 -36.15 1.79
C GLY A 24 -26.66 -35.93 3.28
N ALA A 25 -25.46 -35.63 3.79
CA ALA A 25 -25.28 -35.55 5.23
C ALA A 25 -26.14 -34.46 5.85
N PRO A 26 -26.39 -34.55 7.15
CA PRO A 26 -27.03 -33.45 7.88
C PRO A 26 -26.32 -32.15 7.59
N PRO A 27 -27.04 -31.12 7.13
CA PRO A 27 -26.35 -29.85 6.82
C PRO A 27 -25.57 -29.33 8.00
N ILE A 28 -25.93 -29.75 9.21
CA ILE A 28 -25.33 -29.16 10.40
C ILE A 28 -23.86 -29.54 10.52
N MET A 29 -23.46 -30.70 10.02
CA MET A 29 -22.11 -31.18 10.26
C MET A 29 -21.09 -30.33 9.52
N GLY A 30 -21.23 -30.23 8.19
CA GLY A 30 -20.41 -29.28 7.45
C GLY A 30 -20.65 -27.86 7.89
N SER A 31 -21.84 -27.57 8.42
CA SER A 31 -22.12 -26.24 8.92
C SER A 31 -21.32 -25.94 10.18
N SER A 32 -21.10 -26.95 11.02
CA SER A 32 -20.32 -26.73 12.24
C SER A 32 -18.86 -26.43 11.94
N VAL A 33 -18.28 -27.13 10.97
CA VAL A 33 -16.91 -26.85 10.57
C VAL A 33 -16.77 -25.39 10.15
N TYR A 34 -17.66 -24.94 9.25
CA TYR A 34 -17.58 -23.58 8.73
C TYR A 34 -17.61 -22.56 9.87
N ILE A 35 -18.53 -22.72 10.82
CA ILE A 35 -18.64 -21.77 11.91
C ILE A 35 -17.38 -21.78 12.77
N THR A 36 -16.94 -22.97 13.19
CA THR A 36 -15.74 -23.07 14.01
C THR A 36 -14.56 -22.39 13.33
N VAL A 37 -14.43 -22.58 12.01
CA VAL A 37 -13.34 -21.96 11.28
C VAL A 37 -13.50 -20.44 11.27
N GLU A 38 -14.71 -19.96 11.00
CA GLU A 38 -14.92 -18.51 10.92
C GLU A 38 -14.65 -17.83 12.25
N LEU A 39 -14.92 -18.51 13.36
CA LEU A 39 -14.67 -17.89 14.66
C LEU A 39 -13.17 -17.86 14.98
N ALA A 40 -12.46 -18.94 14.68
CA ALA A 40 -11.01 -18.92 14.81
C ALA A 40 -10.41 -17.74 14.04
N ILE A 41 -10.91 -17.49 12.83
CA ILE A 41 -10.39 -16.39 12.03
C ILE A 41 -10.68 -15.06 12.70
N ALA A 42 -11.87 -14.92 13.29
CA ALA A 42 -12.25 -13.65 13.88
C ALA A 42 -11.40 -13.33 15.11
N VAL A 43 -11.08 -14.34 15.92
CA VAL A 43 -10.19 -14.13 17.06
C VAL A 43 -8.86 -13.57 16.59
N LEU A 44 -8.26 -14.21 15.58
CA LEU A 44 -6.94 -13.79 15.13
C LEU A 44 -7.00 -12.41 14.47
N ALA A 45 -8.06 -12.13 13.70
CA ALA A 45 -8.18 -10.80 13.08
C ALA A 45 -8.19 -9.71 14.13
N ILE A 46 -8.94 -9.91 15.21
CA ILE A 46 -9.05 -8.90 16.26
C ILE A 46 -7.71 -8.70 16.96
N LEU A 47 -7.14 -9.78 17.48
CA LEU A 47 -5.89 -9.69 18.24
C LEU A 47 -4.79 -9.00 17.42
N GLY A 48 -4.53 -9.48 16.21
CA GLY A 48 -3.41 -8.97 15.45
C GLY A 48 -3.54 -7.50 15.09
N ASN A 49 -4.73 -7.10 14.65
CA ASN A 49 -4.90 -5.72 14.22
C ASN A 49 -5.12 -4.78 15.40
N VAL A 50 -5.57 -5.29 16.55
CA VAL A 50 -5.55 -4.48 17.76
C VAL A 50 -4.11 -4.20 18.16
N LEU A 51 -3.22 -5.16 17.93
CA LEU A 51 -1.82 -4.99 18.27
C LEU A 51 -1.14 -4.02 17.33
N VAL A 52 -1.59 -3.94 16.07
CA VAL A 52 -1.09 -2.90 15.18
C VAL A 52 -1.47 -1.53 15.72
N CYS A 53 -2.73 -1.38 16.12
CA CYS A 53 -3.22 -0.09 16.61
C CYS A 53 -2.50 0.30 17.90
N TRP A 54 -2.37 -0.65 18.83
CA TRP A 54 -1.61 -0.39 20.05
C TRP A 54 -0.21 0.09 19.73
N ALA A 55 0.44 -0.50 18.72
CA ALA A 55 1.81 -0.15 18.40
C ALA A 55 1.89 1.31 17.95
N VAL A 56 1.04 1.71 17.00
CA VAL A 56 1.09 3.09 16.52
C VAL A 56 0.75 4.06 17.65
N TRP A 57 -0.25 3.73 18.46
CA TRP A 57 -0.60 4.60 19.58
C TRP A 57 0.61 4.83 20.48
N LEU A 58 1.49 3.83 20.58
CA LEU A 58 2.50 3.78 21.61
C LEU A 58 3.83 4.33 21.17
N ASN A 59 4.14 4.27 19.88
CA ASN A 59 5.46 4.58 19.34
C ASN A 59 5.34 5.78 18.42
N SER A 60 5.92 6.91 18.83
CA SER A 60 5.85 8.11 18.01
C SER A 60 6.60 7.95 16.69
N ASN A 61 7.54 7.02 16.61
CA ASN A 61 8.18 6.73 15.33
C ASN A 61 7.19 6.15 14.33
N LEU A 62 6.15 5.48 14.82
CA LEU A 62 5.13 4.88 13.97
C LEU A 62 4.00 5.85 13.65
N GLN A 63 4.08 7.09 14.12
CA GLN A 63 2.97 8.04 14.01
C GLN A 63 3.18 9.02 12.87
N ASN A 64 3.44 8.48 11.68
CA ASN A 64 3.51 9.26 10.46
C ASN A 64 2.17 9.17 9.71
N VAL A 65 2.06 9.92 8.61
CA VAL A 65 0.80 9.96 7.89
C VAL A 65 0.50 8.63 7.25
N THR A 66 1.52 7.98 6.68
CA THR A 66 1.34 6.67 6.07
C THR A 66 0.61 5.74 7.03
N ASN A 67 1.06 5.69 8.28
CA ASN A 67 0.53 4.73 9.24
C ASN A 67 -0.85 5.09 9.76
N TYR A 68 -1.32 6.32 9.53
CA TYR A 68 -2.72 6.60 9.82
C TYR A 68 -3.61 5.81 8.88
N PHE A 69 -3.19 5.67 7.62
CA PHE A 69 -3.92 4.79 6.70
C PHE A 69 -3.78 3.33 7.10
N VAL A 70 -2.59 2.93 7.54
CA VAL A 70 -2.41 1.58 8.06
C VAL A 70 -3.38 1.32 9.20
N VAL A 71 -3.63 2.34 10.03
CA VAL A 71 -4.54 2.17 11.16
C VAL A 71 -5.98 2.04 10.67
N SER A 72 -6.38 2.89 9.71
CA SER A 72 -7.72 2.77 9.15
C SER A 72 -7.92 1.39 8.53
N LEU A 73 -6.90 0.87 7.84
CA LEU A 73 -6.97 -0.49 7.33
C LEU A 73 -7.13 -1.48 8.47
N ALA A 74 -6.41 -1.27 9.58
CA ALA A 74 -6.50 -2.20 10.70
C ALA A 74 -7.88 -2.17 11.34
N ALA A 75 -8.43 -0.97 11.57
CA ALA A 75 -9.76 -0.86 12.16
C ALA A 75 -10.80 -1.58 11.32
N ALA A 76 -10.61 -1.62 10.00
CA ALA A 76 -11.54 -2.34 9.14
C ALA A 76 -11.40 -3.84 9.31
N ASP A 77 -10.17 -4.32 9.55
CA ASP A 77 -9.97 -5.75 9.74
C ASP A 77 -10.47 -6.20 11.11
N ILE A 78 -10.39 -5.33 12.12
CA ILE A 78 -11.02 -5.63 13.41
C ILE A 78 -12.53 -5.77 13.22
N ALA A 79 -13.15 -4.79 12.54
CA ALA A 79 -14.58 -4.83 12.30
C ALA A 79 -15.00 -6.09 11.54
N VAL A 80 -14.07 -6.75 10.84
CA VAL A 80 -14.41 -8.01 10.18
C VAL A 80 -14.64 -9.10 11.22
N GLY A 81 -13.78 -9.16 12.23
CA GLY A 81 -13.97 -10.14 13.28
C GLY A 81 -15.13 -9.81 14.20
N VAL A 82 -15.40 -8.53 14.41
CA VAL A 82 -16.43 -8.16 15.38
C VAL A 82 -17.82 -8.27 14.77
N LEU A 83 -17.96 -7.93 13.49
CA LEU A 83 -19.29 -7.83 12.87
C LEU A 83 -19.42 -8.64 11.60
N ALA A 84 -18.50 -8.47 10.65
CA ALA A 84 -18.66 -9.08 9.34
C ALA A 84 -18.75 -10.60 9.43
N ILE A 85 -17.96 -11.21 10.30
CA ILE A 85 -17.92 -12.67 10.39
C ILE A 85 -19.18 -13.17 11.08
N PRO A 86 -19.60 -12.60 12.21
CA PRO A 86 -20.92 -12.95 12.76
C PRO A 86 -22.05 -12.78 11.75
N PHE A 87 -21.95 -11.78 10.87
CA PHE A 87 -22.96 -11.64 9.82
C PHE A 87 -22.88 -12.80 8.83
N ALA A 88 -21.66 -13.20 8.44
CA ALA A 88 -21.49 -14.29 7.50
C ALA A 88 -22.07 -15.58 8.06
N ILE A 89 -21.93 -15.80 9.37
CA ILE A 89 -22.53 -16.99 9.98
C ILE A 89 -24.05 -16.91 9.90
N THR A 90 -24.61 -15.75 10.22
CA THR A 90 -26.07 -15.60 10.24
C THR A 90 -26.66 -15.88 8.86
N ILE A 91 -26.20 -15.16 7.84
CA ILE A 91 -26.79 -15.27 6.51
C ILE A 91 -26.60 -16.66 5.94
N SER A 92 -25.64 -17.43 6.47
CA SER A 92 -25.48 -18.80 6.04
C SER A 92 -26.62 -19.70 6.48
N THR A 93 -27.51 -19.22 7.35
CA THR A 93 -28.61 -20.03 7.83
C THR A 93 -29.87 -19.90 6.99
N GLY A 94 -30.00 -18.84 6.21
CA GLY A 94 -31.25 -18.60 5.49
C GLY A 94 -32.43 -18.36 6.40
N PHE A 95 -32.20 -17.82 7.59
CA PHE A 95 -33.29 -17.49 8.49
C PHE A 95 -34.23 -16.49 7.86
N CYS A 96 -35.50 -16.55 8.25
CA CYS A 96 -36.48 -15.60 7.75
C CYS A 96 -36.16 -14.20 8.25
N ALA A 97 -36.14 -13.24 7.33
CA ALA A 97 -35.77 -11.87 7.68
C ALA A 97 -36.44 -10.91 6.70
N ALA A 98 -36.72 -9.70 7.18
CA ALA A 98 -37.19 -8.65 6.29
C ALA A 98 -36.09 -8.31 5.29
N CYS A 99 -36.48 -8.18 4.03
CA CYS A 99 -35.49 -8.11 2.95
C CYS A 99 -34.42 -7.07 3.22
N HIS A 100 -34.83 -5.83 3.53
CA HIS A 100 -33.85 -4.75 3.59
C HIS A 100 -32.87 -4.93 4.74
N GLY A 101 -33.31 -5.53 5.86
CA GLY A 101 -32.38 -5.89 6.89
C GLY A 101 -31.45 -7.01 6.48
N CYS A 102 -31.94 -7.90 5.61
CA CYS A 102 -31.09 -8.96 5.08
C CYS A 102 -30.01 -8.41 4.16
N LEU A 103 -30.32 -7.34 3.42
CA LEU A 103 -29.31 -6.74 2.55
C LEU A 103 -28.15 -6.18 3.36
N PHE A 104 -28.46 -5.52 4.48
CA PHE A 104 -27.39 -4.93 5.30
C PHE A 104 -26.48 -6.01 5.86
N ILE A 105 -27.05 -7.09 6.39
CA ILE A 105 -26.25 -8.21 6.87
C ILE A 105 -25.37 -8.75 5.75
N ALA A 106 -25.89 -8.77 4.52
CA ALA A 106 -25.15 -9.34 3.41
C ALA A 106 -24.09 -8.39 2.88
N CYS A 107 -24.35 -7.09 2.89
CA CYS A 107 -23.48 -6.12 2.23
C CYS A 107 -22.52 -5.41 3.17
N PHE A 108 -22.70 -5.49 4.48
CA PHE A 108 -21.84 -4.69 5.35
C PHE A 108 -20.36 -5.01 5.12
N VAL A 109 -20.05 -6.23 4.69
CA VAL A 109 -18.65 -6.54 4.44
C VAL A 109 -18.15 -5.79 3.22
N LEU A 110 -19.00 -5.57 2.23
CA LEU A 110 -18.57 -4.83 1.04
C LEU A 110 -18.15 -3.41 1.42
N VAL A 111 -18.74 -2.85 2.48
CA VAL A 111 -18.30 -1.55 2.96
C VAL A 111 -16.90 -1.64 3.55
N LEU A 112 -16.65 -2.67 4.36
CA LEU A 112 -15.33 -2.84 4.96
C LEU A 112 -14.27 -3.13 3.91
N THR A 113 -14.61 -3.94 2.90
CA THR A 113 -13.66 -4.21 1.84
C THR A 113 -13.35 -2.95 1.04
N GLN A 114 -14.37 -2.13 0.76
CA GLN A 114 -14.14 -0.92 0.00
C GLN A 114 -13.28 0.07 0.76
N SER A 115 -13.40 0.09 2.09
CA SER A 115 -12.56 0.97 2.89
C SER A 115 -11.12 0.47 2.92
N SER A 116 -10.92 -0.84 2.79
CA SER A 116 -9.56 -1.37 2.72
C SER A 116 -8.88 -0.96 1.41
N ILE A 117 -9.62 -0.96 0.31
CA ILE A 117 -9.06 -0.58 -0.97
C ILE A 117 -8.65 0.90 -0.96
N PHE A 118 -9.58 1.77 -0.55
CA PHE A 118 -9.23 3.19 -0.41
C PHE A 118 -7.97 3.35 0.43
N SER A 119 -7.93 2.68 1.59
CA SER A 119 -6.77 2.79 2.47
C SER A 119 -5.50 2.36 1.75
N LEU A 120 -5.55 1.23 1.05
CA LEU A 120 -4.38 0.76 0.33
C LEU A 120 -3.99 1.74 -0.78
N LEU A 121 -4.99 2.26 -1.50
CA LEU A 121 -4.71 3.22 -2.56
C LEU A 121 -4.03 4.46 -2.02
N ALA A 122 -4.49 4.95 -0.86
CA ALA A 122 -3.90 6.16 -0.29
C ALA A 122 -2.45 5.93 0.10
N ILE A 123 -2.10 4.72 0.56
CA ILE A 123 -0.72 4.44 0.93
C ILE A 123 0.18 4.47 -0.31
N ALA A 124 -0.28 3.86 -1.40
CA ALA A 124 0.50 3.89 -2.65
C ALA A 124 0.82 5.31 -3.05
N ILE A 125 -0.17 6.20 -2.98
CA ILE A 125 0.02 7.60 -3.38
C ILE A 125 0.94 8.31 -2.39
N ASP A 126 0.70 8.11 -1.10
CA ASP A 126 1.55 8.73 -0.09
C ASP A 126 3.02 8.40 -0.33
N ARG A 127 3.34 7.14 -0.65
CA ARG A 127 4.73 6.76 -0.90
C ARG A 127 5.21 7.30 -2.24
N TYR A 128 4.33 7.37 -3.23
CA TYR A 128 4.73 7.95 -4.51
C TYR A 128 5.06 9.43 -4.35
N ILE A 129 4.32 10.13 -3.50
CA ILE A 129 4.62 11.54 -3.25
C ILE A 129 5.95 11.68 -2.51
N ALA A 130 6.33 10.67 -1.73
CA ALA A 130 7.58 10.73 -0.99
C ALA A 130 8.80 10.48 -1.88
N ILE A 131 8.65 9.63 -2.90
CA ILE A 131 9.78 9.36 -3.79
C ILE A 131 9.89 10.43 -4.87
N ARG A 132 8.75 10.89 -5.42
CA ARG A 132 8.80 11.83 -6.53
C ARG A 132 9.15 13.24 -6.07
N ILE A 133 8.52 13.72 -5.00
CA ILE A 133 8.78 15.08 -4.53
C ILE A 133 9.10 15.10 -3.04
N PRO A 134 10.22 14.49 -2.61
CA PRO A 134 10.53 14.46 -1.18
C PRO A 134 10.52 15.83 -0.51
N LEU A 135 10.94 16.89 -1.21
CA LEU A 135 11.09 18.19 -0.57
C LEU A 135 9.77 18.88 -0.29
N ARG A 136 8.70 18.54 -1.02
CA ARG A 136 7.39 19.13 -0.80
C ARG A 136 6.44 18.20 -0.03
N TYR A 137 6.90 17.00 0.33
CA TYR A 137 5.99 16.02 0.94
C TYR A 137 5.38 16.55 2.23
N ASN A 138 6.20 17.15 3.10
CA ASN A 138 5.73 17.47 4.45
C ASN A 138 4.70 18.59 4.45
N GLY A 139 4.81 19.54 3.53
CA GLY A 139 3.81 20.58 3.43
C GLY A 139 2.56 20.20 2.67
N LEU A 140 2.59 19.07 1.97
CA LEU A 140 1.48 18.61 1.14
C LEU A 140 0.67 17.49 1.80
N VAL A 141 1.35 16.53 2.42
CA VAL A 141 0.71 15.42 3.11
C VAL A 141 0.86 15.68 4.60
N THR A 142 -0.20 16.16 5.24
CA THR A 142 -0.22 16.47 6.66
C THR A 142 -1.23 15.59 7.37
N GLY A 143 -1.14 15.57 8.70
CA GLY A 143 -2.02 14.72 9.48
C GLY A 143 -3.48 15.12 9.35
N THR A 144 -3.73 16.43 9.32
CA THR A 144 -5.12 16.91 9.26
C THR A 144 -5.74 16.58 7.90
N ARG A 145 -4.97 16.72 6.82
CA ARG A 145 -5.48 16.34 5.51
C ARG A 145 -5.74 14.84 5.43
N ALA A 146 -4.82 14.02 5.97
CA ALA A 146 -5.03 12.59 5.99
C ALA A 146 -6.30 12.22 6.74
N LYS A 147 -6.50 12.82 7.92
CA LYS A 147 -7.74 12.60 8.65
C LYS A 147 -8.96 12.89 7.79
N GLY A 148 -8.90 13.98 7.02
CA GLY A 148 -10.03 14.31 6.15
C GLY A 148 -10.24 13.29 5.07
N ILE A 149 -9.15 12.82 4.44
CA ILE A 149 -9.27 11.80 3.42
C ILE A 149 -9.88 10.53 4.00
N ILE A 150 -9.36 10.07 5.15
CA ILE A 150 -9.87 8.84 5.75
C ILE A 150 -11.35 9.00 6.10
N ALA A 151 -11.75 10.18 6.53
CA ALA A 151 -13.15 10.40 6.90
C ALA A 151 -14.05 10.33 5.67
N ILE A 152 -13.57 10.81 4.52
CA ILE A 152 -14.38 10.77 3.32
C ILE A 152 -14.40 9.38 2.71
N CYS A 153 -13.27 8.65 2.78
CA CYS A 153 -13.23 7.32 2.21
C CYS A 153 -14.17 6.36 2.94
N TRP A 154 -14.33 6.55 4.26
CA TRP A 154 -15.29 5.74 5.01
C TRP A 154 -16.72 6.08 4.64
N VAL A 155 -16.98 7.33 4.25
CA VAL A 155 -18.32 7.72 3.87
C VAL A 155 -18.67 7.16 2.50
N LEU A 156 -17.75 7.26 1.55
CA LEU A 156 -17.97 6.65 0.23
C LEU A 156 -18.07 5.13 0.33
N SER A 157 -17.34 4.52 1.26
CA SER A 157 -17.38 3.06 1.40
C SER A 157 -18.77 2.58 1.81
N PHE A 158 -19.42 3.31 2.72
CA PHE A 158 -20.80 2.95 3.10
C PHE A 158 -21.75 3.17 1.93
N ALA A 159 -21.58 4.28 1.20
CA ALA A 159 -22.39 4.52 0.02
C ALA A 159 -22.24 3.40 -1.00
N ILE A 160 -21.01 3.11 -1.38
CA ILE A 160 -20.77 2.09 -2.40
C ILE A 160 -21.24 0.73 -1.91
N GLY A 161 -20.76 0.30 -0.76
CA GLY A 161 -21.03 -1.05 -0.29
C GLY A 161 -22.48 -1.34 0.00
N LEU A 162 -23.30 -0.30 0.16
CA LEU A 162 -24.73 -0.49 0.45
C LEU A 162 -25.61 0.04 -0.68
N THR A 163 -25.08 0.20 -1.88
CA THR A 163 -25.91 0.59 -3.01
C THR A 163 -27.10 -0.34 -3.21
N PRO A 164 -26.99 -1.66 -3.06
CA PRO A 164 -28.18 -2.52 -3.24
C PRO A 164 -29.36 -2.10 -2.40
N MET A 165 -29.11 -1.51 -1.24
CA MET A 165 -30.19 -1.10 -0.37
C MET A 165 -30.97 0.08 -0.93
N LEU A 166 -30.39 0.81 -1.89
CA LEU A 166 -31.10 1.90 -2.53
C LEU A 166 -32.06 1.42 -3.63
N GLY A 167 -32.19 0.12 -3.83
CA GLY A 167 -33.10 -0.41 -4.84
C GLY A 167 -32.46 -1.28 -5.89
N TRP A 168 -31.14 -1.44 -5.89
CA TRP A 168 -30.47 -2.35 -6.82
C TRP A 168 -30.35 -3.72 -6.14
N ASN A 169 -31.50 -4.37 -6.02
CA ASN A 169 -31.56 -5.63 -5.31
C ASN A 169 -32.69 -6.49 -5.87
N ASN A 170 -32.65 -7.77 -5.52
CA ASN A 170 -33.68 -8.73 -5.91
C ASN A 170 -34.82 -8.81 -4.90
N CYS A 171 -34.98 -7.79 -4.05
CA CYS A 171 -36.06 -7.82 -3.06
C CYS A 171 -37.43 -7.80 -3.74
N GLY A 172 -37.54 -7.09 -4.87
CA GLY A 172 -38.78 -7.11 -5.61
C GLY A 172 -39.08 -8.43 -6.28
N GLN A 173 -38.08 -9.30 -6.40
CA GLN A 173 -38.27 -10.67 -6.88
C GLN A 173 -37.96 -11.62 -5.72
N PRO A 174 -38.94 -12.00 -4.90
CA PRO A 174 -38.67 -13.02 -3.87
C PRO A 174 -38.83 -14.43 -4.43
N LYS A 175 -38.03 -15.35 -3.88
CA LYS A 175 -38.15 -16.77 -4.21
C LYS A 175 -39.25 -17.33 -3.33
N GLU A 176 -40.45 -17.46 -3.88
CA GLU A 176 -41.62 -17.82 -3.09
C GLU A 176 -41.62 -19.30 -2.71
N GLY A 177 -40.89 -20.14 -3.42
CA GLY A 177 -40.64 -21.49 -2.97
C GLY A 177 -39.86 -21.49 -1.67
N LYS A 178 -38.65 -20.92 -1.70
CA LYS A 178 -37.81 -20.90 -0.50
C LYS A 178 -38.51 -20.21 0.66
N ASN A 179 -39.22 -19.12 0.39
CA ASN A 179 -39.78 -18.32 1.48
C ASN A 179 -40.98 -19.00 2.13
N HIS A 180 -41.76 -19.76 1.35
CA HIS A 180 -42.87 -20.49 1.95
C HIS A 180 -42.42 -21.76 2.64
N SER A 181 -41.35 -22.39 2.16
CA SER A 181 -40.78 -23.53 2.87
C SER A 181 -40.26 -23.12 4.24
N GLN A 182 -39.32 -22.17 4.28
CA GLN A 182 -38.83 -21.65 5.56
C GLN A 182 -39.96 -21.17 6.46
N GLY A 183 -41.16 -20.98 5.91
CA GLY A 183 -42.26 -20.46 6.71
C GLY A 183 -42.17 -18.99 6.99
N CYS A 184 -41.43 -18.25 6.17
CA CYS A 184 -41.31 -16.81 6.36
C CYS A 184 -42.68 -16.16 6.28
N GLY A 185 -42.78 -14.97 6.87
CA GLY A 185 -44.02 -14.26 7.00
C GLY A 185 -44.15 -13.12 6.02
N GLU A 186 -45.08 -12.22 6.32
CA GLU A 186 -45.43 -11.13 5.41
C GLU A 186 -44.33 -10.08 5.42
N GLY A 187 -43.59 -9.98 4.31
CA GLY A 187 -42.48 -9.06 4.18
C GLY A 187 -41.12 -9.71 4.23
N GLN A 188 -41.03 -10.99 4.57
CA GLN A 188 -39.78 -11.65 4.84
C GLN A 188 -39.33 -12.49 3.65
N VAL A 189 -38.03 -12.81 3.65
CA VAL A 189 -37.40 -13.69 2.69
C VAL A 189 -36.44 -14.61 3.42
N ALA A 190 -36.21 -15.79 2.86
CA ALA A 190 -35.09 -16.61 3.31
C ALA A 190 -33.81 -15.85 3.00
N CYS A 191 -33.07 -15.51 4.04
CA CYS A 191 -31.96 -14.55 3.93
C CYS A 191 -30.72 -15.28 3.43
N LEU A 192 -30.50 -15.22 2.12
CA LEU A 192 -29.40 -15.90 1.46
C LEU A 192 -28.76 -14.93 0.48
N PHE A 193 -27.43 -14.90 0.45
CA PHE A 193 -26.72 -13.86 -0.28
C PHE A 193 -27.15 -13.80 -1.74
N GLU A 194 -27.02 -14.91 -2.47
CA GLU A 194 -27.26 -14.92 -3.91
C GLU A 194 -28.73 -14.75 -4.25
N ASP A 195 -29.62 -14.77 -3.26
CA ASP A 195 -31.04 -14.53 -3.50
C ASP A 195 -31.43 -13.06 -3.41
N VAL A 196 -30.67 -12.24 -2.68
CA VAL A 196 -31.04 -10.85 -2.44
C VAL A 196 -30.09 -9.86 -3.10
N VAL A 197 -28.83 -10.19 -3.29
CA VAL A 197 -27.85 -9.30 -3.91
C VAL A 197 -27.78 -9.63 -5.38
N PRO A 198 -28.10 -8.71 -6.30
CA PRO A 198 -28.04 -9.03 -7.73
C PRO A 198 -26.61 -9.30 -8.15
N MET A 199 -26.43 -10.33 -8.98
CA MET A 199 -25.08 -10.69 -9.39
C MET A 199 -24.49 -9.71 -10.39
N ASN A 200 -25.32 -8.89 -11.04
CA ASN A 200 -24.78 -7.85 -11.92
C ASN A 200 -24.20 -6.70 -11.11
N TYR A 201 -24.70 -6.47 -9.89
CA TYR A 201 -24.06 -5.50 -9.01
C TYR A 201 -22.72 -6.04 -8.56
N MET A 202 -22.65 -7.33 -8.25
CA MET A 202 -21.41 -7.93 -7.75
C MET A 202 -20.32 -7.90 -8.81
N VAL A 203 -20.66 -8.20 -10.05
CA VAL A 203 -19.64 -8.36 -11.08
C VAL A 203 -19.24 -7.00 -11.65
N TYR A 204 -20.20 -6.27 -12.22
CA TYR A 204 -19.88 -5.01 -12.87
C TYR A 204 -19.53 -3.93 -11.87
N PHE A 205 -20.38 -3.74 -10.86
CA PHE A 205 -20.22 -2.57 -10.00
C PHE A 205 -19.21 -2.82 -8.89
N ASN A 206 -19.36 -3.93 -8.15
CA ASN A 206 -18.46 -4.14 -7.03
C ASN A 206 -17.09 -4.65 -7.49
N PHE A 207 -17.07 -5.66 -8.36
CA PHE A 207 -15.78 -6.23 -8.76
C PHE A 207 -15.04 -5.35 -9.77
N PHE A 208 -15.61 -5.19 -10.97
CA PHE A 208 -14.91 -4.49 -12.04
C PHE A 208 -14.60 -3.05 -11.65
N ALA A 209 -15.62 -2.31 -11.21
CA ALA A 209 -15.45 -0.88 -11.01
C ALA A 209 -14.78 -0.56 -9.69
N CYS A 210 -15.26 -1.14 -8.59
CA CYS A 210 -14.86 -0.69 -7.26
C CYS A 210 -13.71 -1.47 -6.64
N VAL A 211 -13.31 -2.59 -7.23
CA VAL A 211 -12.21 -3.39 -6.69
C VAL A 211 -11.10 -3.50 -7.73
N LEU A 212 -11.43 -3.98 -8.93
CA LEU A 212 -10.40 -4.33 -9.89
C LEU A 212 -9.73 -3.09 -10.46
N VAL A 213 -10.49 -2.02 -10.70
CA VAL A 213 -9.89 -0.80 -11.25
C VAL A 213 -8.96 -0.18 -10.22
N PRO A 214 -9.40 0.04 -8.97
CA PRO A 214 -8.46 0.54 -7.95
C PRO A 214 -7.19 -0.30 -7.80
N LEU A 215 -7.31 -1.63 -7.87
CA LEU A 215 -6.12 -2.45 -7.72
C LEU A 215 -5.20 -2.30 -8.93
N LEU A 216 -5.76 -2.09 -10.12
CA LEU A 216 -4.92 -1.82 -11.27
C LEU A 216 -4.21 -0.48 -11.15
N LEU A 217 -4.89 0.51 -10.54
CA LEU A 217 -4.23 1.77 -10.26
C LEU A 217 -3.05 1.58 -9.31
N MET A 218 -3.30 0.93 -8.16
CA MET A 218 -2.20 0.67 -7.22
C MET A 218 -1.04 -0.02 -7.93
N LEU A 219 -1.34 -0.94 -8.85
CA LEU A 219 -0.28 -1.58 -9.61
C LEU A 219 0.55 -0.54 -10.35
N GLY A 220 -0.11 0.40 -11.01
CA GLY A 220 0.62 1.41 -11.78
C GLY A 220 1.37 2.39 -10.91
N VAL A 221 0.81 2.73 -9.74
CA VAL A 221 1.52 3.61 -8.81
C VAL A 221 2.83 2.97 -8.37
N TYR A 222 2.75 1.73 -7.90
CA TYR A 222 3.94 1.06 -7.39
C TYR A 222 4.97 0.85 -8.50
N LEU A 223 4.53 0.71 -9.75
CA LEU A 223 5.47 0.68 -10.86
C LEU A 223 6.22 2.01 -10.96
N ARG A 224 5.49 3.12 -10.94
CA ARG A 224 6.13 4.42 -11.04
C ARG A 224 7.03 4.70 -9.85
N ILE A 225 6.70 4.16 -8.67
CA ILE A 225 7.57 4.33 -7.51
C ILE A 225 8.93 3.69 -7.78
N PHE A 226 8.93 2.48 -8.35
CA PHE A 226 10.17 1.74 -8.53
C PHE A 226 10.99 2.28 -9.68
N LEU A 227 10.36 2.68 -10.79
CA LEU A 227 11.09 3.38 -11.83
C LEU A 227 11.77 4.63 -11.28
N ALA A 228 11.01 5.42 -10.50
CA ALA A 228 11.56 6.66 -9.95
C ALA A 228 12.79 6.39 -9.09
N ALA A 229 12.67 5.47 -8.13
CA ALA A 229 13.82 5.15 -7.29
C ALA A 229 14.95 4.57 -8.13
N ARG A 230 14.62 3.75 -9.13
CA ARG A 230 15.65 3.23 -10.02
C ARG A 230 16.25 4.35 -10.87
N ARG A 231 15.44 5.33 -11.25
CA ARG A 231 15.96 6.48 -11.99
C ARG A 231 16.84 7.35 -11.11
N GLN A 232 16.29 7.81 -9.98
CA GLN A 232 17.05 8.66 -9.07
C GLN A 232 18.37 8.02 -8.66
N LEU A 233 18.40 6.70 -8.53
CA LEU A 233 19.62 6.00 -8.12
C LEU A 233 20.68 6.05 -9.22
N ALA A 234 20.29 5.70 -10.45
CA ALA A 234 21.24 5.76 -11.56
C ALA A 234 21.72 7.19 -11.79
N ASP A 235 20.87 8.18 -11.53
CA ASP A 235 21.31 9.57 -11.62
C ASP A 235 22.42 9.87 -10.63
N LEU A 236 22.32 9.33 -9.42
CA LEU A 236 23.40 9.48 -8.45
C LEU A 236 24.68 8.83 -8.96
N GLU A 237 24.64 7.51 -9.15
CA GLU A 237 25.82 6.79 -9.62
C GLU A 237 26.36 7.39 -10.90
N ASP A 238 25.49 8.00 -11.71
CA ASP A 238 25.94 8.61 -12.95
C ASP A 238 26.55 9.99 -12.69
N ASN A 239 26.08 10.68 -11.65
CA ASN A 239 26.73 11.93 -11.23
C ASN A 239 28.07 11.65 -10.57
N TRP A 240 28.18 10.51 -9.88
CA TRP A 240 29.40 10.20 -9.13
C TRP A 240 30.55 9.85 -10.07
N GLU A 241 30.25 9.21 -11.21
CA GLU A 241 31.30 8.92 -12.17
C GLU A 241 31.64 10.14 -13.01
N THR A 242 30.68 11.02 -13.26
CA THR A 242 31.00 12.30 -13.90
C THR A 242 32.05 13.05 -13.09
N LEU A 243 31.89 13.07 -11.76
CA LEU A 243 32.88 13.72 -10.91
C LEU A 243 34.24 13.05 -11.03
N ASN A 244 34.27 11.72 -10.96
CA ASN A 244 35.53 11.00 -10.91
C ASN A 244 36.21 10.93 -12.27
N ASP A 245 35.46 10.57 -13.31
CA ASP A 245 36.06 10.48 -14.64
C ASP A 245 36.74 11.79 -15.02
N ASN A 246 36.05 12.91 -14.85
CA ASN A 246 36.62 14.20 -15.22
C ASN A 246 37.88 14.52 -14.42
N LEU A 247 38.11 13.86 -13.29
CA LEU A 247 39.39 14.02 -12.60
C LEU A 247 40.54 13.48 -13.43
N LYS A 248 40.37 12.27 -13.98
CA LYS A 248 41.44 11.68 -14.77
C LYS A 248 41.74 12.52 -16.00
N VAL A 249 40.71 13.12 -16.60
CA VAL A 249 40.93 14.02 -17.74
C VAL A 249 41.90 15.12 -17.34
N ILE A 250 41.63 15.78 -16.22
CA ILE A 250 42.52 16.84 -15.74
C ILE A 250 43.93 16.29 -15.52
N GLU A 251 44.03 15.15 -14.84
CA GLU A 251 45.34 14.61 -14.47
C GLU A 251 46.25 14.45 -15.67
N LYS A 252 45.70 14.04 -16.81
CA LYS A 252 46.49 13.65 -17.97
C LYS A 252 46.33 14.61 -19.16
N ALA A 253 45.86 15.82 -18.92
CA ALA A 253 45.82 16.82 -19.98
C ALA A 253 47.18 17.51 -20.10
N ASP A 254 47.33 18.29 -21.18
CA ASP A 254 48.59 18.97 -21.46
C ASP A 254 48.45 20.45 -21.81
N ASN A 255 47.27 20.93 -22.20
CA ASN A 255 47.05 22.35 -22.44
C ASN A 255 45.92 22.84 -21.54
N ALA A 256 45.89 24.17 -21.35
CA ALA A 256 44.92 24.78 -20.45
C ALA A 256 43.48 24.51 -20.86
N ALA A 257 43.23 24.19 -22.13
CA ALA A 257 41.85 24.13 -22.61
C ALA A 257 41.16 22.83 -22.22
N GLN A 258 41.87 21.68 -22.30
CA GLN A 258 41.26 20.43 -21.85
C GLN A 258 40.78 20.55 -20.41
N VAL A 259 41.61 21.14 -19.55
CA VAL A 259 41.25 21.33 -18.15
C VAL A 259 39.96 22.13 -18.05
N LYS A 260 39.86 23.22 -18.80
CA LYS A 260 38.68 24.08 -18.74
C LYS A 260 37.43 23.29 -19.11
N ASP A 261 37.49 22.49 -20.17
CA ASP A 261 36.32 21.71 -20.59
C ASP A 261 35.96 20.67 -19.55
N ALA A 262 36.96 20.06 -18.90
CA ALA A 262 36.68 19.02 -17.92
C ALA A 262 36.06 19.60 -16.65
N LEU A 263 36.42 20.84 -16.29
CA LEU A 263 35.97 21.40 -15.03
C LEU A 263 34.54 21.90 -15.11
N THR A 264 34.16 22.51 -16.22
CA THR A 264 32.78 23.01 -16.36
C THR A 264 31.76 21.89 -16.24
N LYS A 265 32.17 20.65 -16.54
CA LYS A 265 31.24 19.53 -16.46
C LYS A 265 31.01 19.09 -15.02
N MET A 266 32.05 19.09 -14.20
CA MET A 266 31.88 18.73 -12.80
C MET A 266 31.03 19.75 -12.07
N ARG A 267 31.25 21.03 -12.36
CA ARG A 267 30.51 22.10 -11.69
C ARG A 267 29.01 21.91 -11.86
N ALA A 268 28.55 21.75 -13.10
CA ALA A 268 27.14 21.50 -13.34
C ALA A 268 26.70 20.18 -12.71
N ALA A 269 27.58 19.18 -12.72
CA ALA A 269 27.27 17.90 -12.08
C ALA A 269 27.18 18.05 -10.57
N ALA A 270 28.02 18.90 -9.98
CA ALA A 270 28.04 19.07 -8.53
C ALA A 270 26.82 19.82 -8.01
N LEU A 271 26.14 20.59 -8.86
CA LEU A 271 24.95 21.32 -8.43
C LEU A 271 23.67 20.54 -8.68
N ASP A 272 23.61 19.78 -9.78
CA ASP A 272 22.50 18.87 -9.98
C ASP A 272 22.51 17.72 -8.96
N ALA A 273 23.68 17.44 -8.38
CA ALA A 273 23.72 16.57 -7.21
C ALA A 273 23.24 17.31 -5.97
N GLN A 274 23.79 18.50 -5.72
CA GLN A 274 23.27 19.35 -4.66
C GLN A 274 21.76 19.43 -4.72
N LYS A 275 21.20 19.56 -5.92
CA LYS A 275 19.77 19.40 -6.13
C LYS A 275 19.37 17.93 -5.96
N MET A 291 22.23 19.48 7.78
CA MET A 291 22.13 19.82 6.37
C MET A 291 23.07 20.97 6.00
N LYS A 292 23.66 21.62 7.00
CA LYS A 292 24.68 22.63 6.77
C LYS A 292 26.07 22.03 6.62
N ASP A 293 26.26 20.77 7.00
CA ASP A 293 27.48 20.05 6.61
C ASP A 293 27.43 19.70 5.13
N PHE A 294 26.26 19.29 4.64
CA PHE A 294 26.10 18.98 3.22
C PHE A 294 26.32 20.22 2.35
N ARG A 295 25.88 21.39 2.83
CA ARG A 295 26.02 22.61 2.07
C ARG A 295 27.39 23.25 2.25
N HIS A 296 28.13 22.88 3.29
CA HIS A 296 29.52 23.29 3.42
C HIS A 296 30.42 22.39 2.57
N GLY A 297 30.10 21.10 2.51
CA GLY A 297 30.89 20.20 1.68
C GLY A 297 30.86 20.58 0.22
N PHE A 298 29.67 20.87 -0.31
CA PHE A 298 29.55 21.24 -1.72
C PHE A 298 30.01 22.66 -1.99
N ASP A 299 30.05 23.52 -0.97
CA ASP A 299 30.61 24.86 -1.16
C ASP A 299 32.12 24.86 -1.04
N ILE A 300 32.68 23.89 -0.31
CA ILE A 300 34.12 23.60 -0.43
C ILE A 300 34.41 23.10 -1.84
N LEU A 301 33.59 22.17 -2.34
CA LEU A 301 33.87 21.52 -3.61
C LEU A 301 33.80 22.49 -4.76
N VAL A 302 32.63 23.11 -4.97
CA VAL A 302 32.47 24.06 -6.05
C VAL A 302 33.49 25.19 -5.93
N GLY A 303 33.72 25.66 -4.70
CA GLY A 303 34.72 26.70 -4.51
C GLY A 303 36.08 26.29 -5.05
N GLN A 304 36.47 25.04 -4.82
CA GLN A 304 37.72 24.54 -5.38
C GLN A 304 37.65 24.50 -6.90
N ILE A 305 36.56 23.96 -7.46
CA ILE A 305 36.39 23.93 -8.91
C ILE A 305 36.52 25.34 -9.48
N ASP A 306 35.88 26.31 -8.84
CA ASP A 306 35.91 27.68 -9.32
C ASP A 306 37.30 28.30 -9.20
N ASP A 307 38.18 27.73 -8.37
CA ASP A 307 39.56 28.21 -8.31
C ASP A 307 40.41 27.60 -9.41
N ALA A 308 40.22 26.30 -9.68
CA ALA A 308 40.96 25.66 -10.76
C ALA A 308 40.51 26.18 -12.12
N LEU A 309 39.25 26.60 -12.22
CA LEU A 309 38.74 27.18 -13.47
C LEU A 309 39.32 28.56 -13.72
N LYS A 310 39.77 29.25 -12.67
CA LYS A 310 40.37 30.57 -12.85
C LYS A 310 41.83 30.46 -13.24
N LEU A 311 42.57 29.52 -12.64
CA LEU A 311 43.94 29.29 -13.06
C LEU A 311 43.99 28.69 -14.46
N ALA A 312 43.02 27.86 -14.81
CA ALA A 312 42.96 27.33 -16.18
C ALA A 312 42.71 28.44 -17.19
N ASN A 313 41.67 29.24 -16.96
CA ASN A 313 41.38 30.36 -17.85
C ASN A 313 42.59 31.27 -18.00
N GLU A 314 43.42 31.40 -16.96
CA GLU A 314 44.60 32.24 -17.02
C GLU A 314 45.75 31.57 -17.77
N GLY A 315 45.63 30.30 -18.14
CA GLY A 315 46.63 29.62 -18.92
C GLY A 315 47.62 28.81 -18.12
N LYS A 316 47.57 28.88 -16.79
CA LYS A 316 48.46 28.09 -15.93
C LYS A 316 47.97 26.66 -15.92
N VAL A 317 48.63 25.79 -16.68
CA VAL A 317 48.15 24.42 -16.87
C VAL A 317 48.46 23.56 -15.66
N LYS A 318 49.73 23.55 -15.23
CA LYS A 318 50.11 22.69 -14.10
C LYS A 318 49.46 23.17 -12.80
N GLU A 319 49.39 24.48 -12.58
CA GLU A 319 48.77 25.00 -11.37
C GLU A 319 47.28 24.68 -11.31
N ALA A 320 46.67 24.34 -12.45
CA ALA A 320 45.27 23.94 -12.48
C ALA A 320 45.10 22.45 -12.22
N GLN A 321 46.02 21.62 -12.71
CA GLN A 321 45.96 20.19 -12.44
C GLN A 321 46.23 19.91 -10.96
N ALA A 322 47.14 20.67 -10.35
CA ALA A 322 47.44 20.48 -8.94
C ALA A 322 46.35 21.04 -8.04
N ALA A 323 45.72 22.14 -8.44
CA ALA A 323 44.58 22.65 -7.68
C ALA A 323 43.40 21.70 -7.77
N ALA A 324 43.18 21.12 -8.95
CA ALA A 324 42.07 20.17 -9.12
C ALA A 324 42.32 18.86 -8.40
N GLU A 325 43.58 18.57 -8.02
CA GLU A 325 43.86 17.38 -7.24
C GLU A 325 43.43 17.54 -5.79
N GLN A 326 43.26 18.78 -5.31
CA GLN A 326 42.73 19.01 -3.98
C GLN A 326 41.25 18.61 -3.86
N LEU A 327 40.60 18.27 -4.98
CA LEU A 327 39.23 17.79 -4.92
C LEU A 327 39.14 16.37 -4.40
N LYS A 328 40.22 15.59 -4.51
CA LYS A 328 40.22 14.25 -3.93
C LYS A 328 39.96 14.32 -2.44
N THR A 329 40.61 15.25 -1.74
CA THR A 329 40.40 15.39 -0.31
C THR A 329 38.94 15.70 0.00
N THR A 330 38.32 16.59 -0.78
CA THR A 330 36.91 16.91 -0.55
C THR A 330 36.02 15.72 -0.86
N ARG A 331 36.32 14.98 -1.93
CA ARG A 331 35.48 13.85 -2.31
C ARG A 331 35.56 12.74 -1.28
N ASN A 332 36.76 12.47 -0.76
CA ASN A 332 36.89 11.42 0.26
C ASN A 332 36.23 11.82 1.56
N ALA A 333 36.24 13.12 1.89
CA ALA A 333 35.76 13.58 3.19
C ALA A 333 34.27 13.88 3.22
N TYR A 334 33.70 14.37 2.12
CA TYR A 334 32.31 14.82 2.11
C TYR A 334 31.44 14.11 1.08
N ILE A 335 31.90 14.01 -0.17
CA ILE A 335 31.01 13.67 -1.26
C ILE A 335 30.61 12.19 -1.20
N GLN A 336 31.58 11.31 -1.07
CA GLN A 336 31.28 9.89 -0.94
C GLN A 336 30.23 9.65 0.13
N LYS A 337 30.21 10.48 1.18
CA LYS A 337 29.32 10.26 2.30
C LYS A 337 27.87 10.68 2.00
N TYR A 338 27.68 11.62 1.08
CA TYR A 338 26.32 11.89 0.59
C TYR A 338 25.88 10.82 -0.39
N LEU A 339 26.81 10.30 -1.20
CA LEU A 339 26.49 9.18 -2.07
C LEU A 339 25.95 8.00 -1.28
N GLU A 340 26.70 7.56 -0.26
CA GLU A 340 26.26 6.39 0.49
C GLU A 340 24.98 6.67 1.28
N ARG A 341 24.80 7.90 1.77
CA ARG A 341 23.60 8.21 2.54
C ARG A 341 22.40 8.42 1.63
N ALA A 342 22.59 9.05 0.48
CA ALA A 342 21.51 9.18 -0.48
C ALA A 342 21.13 7.83 -1.06
N ARG A 343 22.08 6.89 -1.13
CA ARG A 343 21.77 5.56 -1.63
C ARG A 343 20.94 4.77 -0.62
N SER A 344 21.24 4.92 0.66
CA SER A 344 20.51 4.17 1.68
C SER A 344 19.05 4.56 1.71
N THR A 345 18.77 5.87 1.77
CA THR A 345 17.39 6.33 1.88
C THR A 345 16.55 5.87 0.69
N LEU A 346 17.15 5.81 -0.50
CA LEU A 346 16.41 5.33 -1.67
C LEU A 346 16.19 3.83 -1.59
N GLN A 347 17.22 3.09 -1.15
CA GLN A 347 17.07 1.65 -0.97
C GLN A 347 16.10 1.32 0.16
N LYS A 348 16.00 2.20 1.16
CA LYS A 348 15.05 2.00 2.25
C LYS A 348 13.63 2.29 1.81
N GLU A 349 13.44 3.28 0.93
CA GLU A 349 12.11 3.52 0.37
C GLU A 349 11.66 2.34 -0.48
N VAL A 350 12.58 1.80 -1.28
CA VAL A 350 12.23 0.67 -2.15
C VAL A 350 11.81 -0.52 -1.30
N HIS A 351 12.63 -0.89 -0.32
CA HIS A 351 12.29 -2.02 0.54
C HIS A 351 10.98 -1.78 1.28
N ALA A 352 10.68 -0.52 1.60
CA ALA A 352 9.43 -0.21 2.30
C ALA A 352 8.22 -0.31 1.38
N ALA A 353 8.34 0.21 0.15
CA ALA A 353 7.25 0.07 -0.80
C ALA A 353 7.05 -1.38 -1.23
N LYS A 354 8.09 -2.20 -1.16
CA LYS A 354 7.94 -3.61 -1.47
C LYS A 354 7.12 -4.32 -0.39
N SER A 355 7.33 -3.96 0.88
CA SER A 355 6.53 -4.54 1.95
C SER A 355 5.06 -4.16 1.82
N LEU A 356 4.78 -2.92 1.38
CA LEU A 356 3.40 -2.49 1.20
C LEU A 356 2.78 -3.06 -0.06
N ALA A 357 3.59 -3.30 -1.09
CA ALA A 357 3.06 -3.95 -2.30
C ALA A 357 2.64 -5.37 -1.99
N ILE A 358 3.34 -6.04 -1.08
CA ILE A 358 2.98 -7.41 -0.71
C ILE A 358 1.59 -7.43 -0.08
N ILE A 359 1.26 -6.41 0.70
CA ILE A 359 -0.01 -6.40 1.39
C ILE A 359 -1.16 -6.21 0.40
N VAL A 360 -0.88 -5.55 -0.74
CA VAL A 360 -1.87 -5.42 -1.79
C VAL A 360 -1.99 -6.73 -2.56
N GLY A 361 -0.88 -7.46 -2.70
CA GLY A 361 -0.96 -8.76 -3.34
C GLY A 361 -1.82 -9.74 -2.56
N LEU A 362 -1.67 -9.74 -1.23
CA LEU A 362 -2.41 -10.70 -0.42
C LEU A 362 -3.90 -10.39 -0.42
N PHE A 363 -4.26 -9.11 -0.33
CA PHE A 363 -5.65 -8.71 -0.52
C PHE A 363 -6.21 -9.30 -1.81
N ALA A 364 -5.48 -9.15 -2.91
CA ALA A 364 -5.95 -9.67 -4.19
C ALA A 364 -6.01 -11.19 -4.18
N LEU A 365 -4.90 -11.83 -3.80
CA LEU A 365 -4.89 -13.29 -3.69
C LEU A 365 -6.10 -13.80 -2.91
N CYS A 366 -6.42 -13.13 -1.80
CA CYS A 366 -7.46 -13.62 -0.90
C CYS A 366 -8.87 -13.35 -1.42
N TRP A 367 -9.07 -12.26 -2.16
CA TRP A 367 -10.40 -11.81 -2.53
C TRP A 367 -10.80 -12.19 -3.95
N LEU A 368 -9.86 -12.53 -4.82
CA LEU A 368 -10.18 -12.79 -6.22
C LEU A 368 -10.95 -14.10 -6.42
N PRO A 369 -10.67 -15.15 -5.63
CA PRO A 369 -11.45 -16.39 -5.81
C PRO A 369 -12.95 -16.17 -5.68
N LEU A 370 -13.39 -15.49 -4.63
CA LEU A 370 -14.81 -15.22 -4.46
C LEU A 370 -15.36 -14.37 -5.60
N HIS A 371 -14.55 -13.42 -6.09
CA HIS A 371 -14.96 -12.61 -7.23
C HIS A 371 -15.04 -13.43 -8.51
N ILE A 372 -14.03 -14.27 -8.75
CA ILE A 372 -13.96 -15.03 -9.99
C ILE A 372 -15.11 -16.03 -10.06
N ILE A 373 -15.57 -16.53 -8.91
CA ILE A 373 -16.70 -17.46 -8.92
C ILE A 373 -17.98 -16.71 -9.25
N ASN A 374 -18.12 -15.48 -8.76
CA ASN A 374 -19.29 -14.69 -9.11
C ASN A 374 -19.36 -14.46 -10.62
N CYS A 375 -18.21 -14.26 -11.25
CA CYS A 375 -18.20 -14.11 -12.71
C CYS A 375 -18.71 -15.35 -13.40
N PHE A 376 -18.29 -16.53 -12.93
CA PHE A 376 -18.75 -17.78 -13.54
C PHE A 376 -20.26 -17.94 -13.36
N THR A 377 -20.78 -17.60 -12.18
CA THR A 377 -22.20 -17.72 -11.93
C THR A 377 -22.99 -16.79 -12.85
N PHE A 378 -22.44 -15.62 -13.14
CA PHE A 378 -23.13 -14.58 -13.88
C PHE A 378 -22.97 -14.76 -15.39
N PHE A 379 -21.74 -14.99 -15.85
CA PHE A 379 -21.46 -15.07 -17.28
C PHE A 379 -21.69 -16.47 -17.85
N CYS A 380 -21.47 -17.52 -17.08
CA CYS A 380 -21.66 -18.87 -17.60
C CYS A 380 -22.98 -19.43 -17.09
N PRO A 381 -24.09 -19.18 -17.76
CA PRO A 381 -25.37 -19.73 -17.31
C PRO A 381 -25.50 -21.22 -17.55
N ASP A 382 -24.70 -21.79 -18.46
CA ASP A 382 -24.74 -23.22 -18.74
C ASP A 382 -23.70 -24.00 -17.95
N CYS A 383 -22.90 -23.32 -17.13
CA CYS A 383 -22.03 -23.99 -16.18
C CYS A 383 -22.80 -24.38 -14.92
N SER A 384 -22.41 -25.50 -14.34
CA SER A 384 -22.92 -25.85 -13.03
C SER A 384 -22.39 -24.87 -12.00
N HIS A 385 -23.24 -24.51 -11.04
CA HIS A 385 -22.79 -23.64 -9.96
C HIS A 385 -21.66 -24.30 -9.19
N ALA A 386 -20.72 -23.47 -8.74
CA ALA A 386 -19.65 -23.97 -7.91
C ALA A 386 -20.25 -24.64 -6.67
N PRO A 387 -19.62 -25.71 -6.18
CA PRO A 387 -20.20 -26.45 -5.06
C PRO A 387 -20.19 -25.63 -3.79
N LEU A 388 -21.07 -26.01 -2.87
CA LEU A 388 -21.17 -25.30 -1.60
C LEU A 388 -19.83 -25.27 -0.89
N TRP A 389 -19.15 -26.42 -0.82
CA TRP A 389 -17.91 -26.48 -0.06
C TRP A 389 -16.89 -25.47 -0.59
N LEU A 390 -16.89 -25.23 -1.90
CA LEU A 390 -15.94 -24.29 -2.48
C LEU A 390 -16.37 -22.86 -2.21
N MET A 391 -17.68 -22.59 -2.22
CA MET A 391 -18.17 -21.26 -1.92
C MET A 391 -17.73 -20.81 -0.54
N TYR A 392 -17.90 -21.66 0.47
CA TYR A 392 -17.54 -21.31 1.84
C TYR A 392 -16.05 -21.40 2.08
N LEU A 393 -15.32 -22.15 1.24
CA LEU A 393 -13.87 -22.10 1.30
C LEU A 393 -13.33 -20.79 0.74
N ALA A 394 -13.97 -20.27 -0.32
CA ALA A 394 -13.59 -18.97 -0.85
C ALA A 394 -14.00 -17.84 0.08
N ILE A 395 -15.12 -18.00 0.78
CA ILE A 395 -15.53 -17.01 1.78
C ILE A 395 -14.55 -17.00 2.94
N VAL A 396 -14.24 -18.18 3.49
CA VAL A 396 -13.29 -18.28 4.58
C VAL A 396 -11.95 -17.71 4.16
N LEU A 397 -11.53 -17.98 2.94
CA LEU A 397 -10.29 -17.40 2.43
C LEU A 397 -10.34 -15.88 2.51
N SER A 398 -11.41 -15.28 2.02
CA SER A 398 -11.49 -13.83 1.96
C SER A 398 -11.34 -13.22 3.36
N HIS A 399 -11.87 -13.89 4.39
CA HIS A 399 -11.80 -13.36 5.74
C HIS A 399 -10.42 -13.54 6.38
N THR A 400 -9.57 -14.41 5.82
CA THR A 400 -8.23 -14.56 6.37
C THR A 400 -7.32 -13.38 6.04
N ASN A 401 -7.66 -12.61 5.00
CA ASN A 401 -6.90 -11.40 4.72
C ASN A 401 -6.87 -10.47 5.92
N SER A 402 -7.86 -10.55 6.81
CA SER A 402 -7.89 -9.74 8.01
C SER A 402 -6.90 -10.20 9.09
N VAL A 403 -6.20 -11.31 8.86
CA VAL A 403 -5.25 -11.83 9.85
C VAL A 403 -3.81 -11.57 9.41
N VAL A 404 -3.57 -11.44 8.11
CA VAL A 404 -2.21 -11.53 7.61
C VAL A 404 -1.44 -10.22 7.80
N ASN A 405 -2.10 -9.06 7.63
CA ASN A 405 -1.38 -7.79 7.68
C ASN A 405 -0.52 -7.65 8.94
N PRO A 406 -1.03 -7.92 10.15
CA PRO A 406 -0.15 -7.84 11.33
C PRO A 406 1.12 -8.66 11.21
N PHE A 407 1.08 -9.83 10.55
CA PHE A 407 2.28 -10.63 10.39
C PHE A 407 3.25 -9.99 9.40
N ILE A 408 2.72 -9.39 8.34
CA ILE A 408 3.57 -8.75 7.34
C ILE A 408 4.37 -7.62 7.99
N TYR A 409 3.69 -6.76 8.76
CA TYR A 409 4.40 -5.69 9.45
C TYR A 409 5.50 -6.26 10.35
N ALA A 410 5.20 -7.35 11.06
CA ALA A 410 6.15 -7.88 12.04
C ALA A 410 7.36 -8.49 11.35
N TYR A 411 7.16 -9.17 10.23
CA TYR A 411 8.28 -9.79 9.53
C TYR A 411 9.08 -8.80 8.70
N ARG A 412 8.44 -7.72 8.22
CA ARG A 412 9.05 -6.87 7.20
C ARG A 412 9.37 -5.46 7.69
N ILE A 413 9.00 -5.09 8.91
CA ILE A 413 9.16 -3.72 9.38
C ILE A 413 9.78 -3.76 10.77
N ARG A 414 11.01 -3.27 10.89
CA ARG A 414 11.73 -3.32 12.16
C ARG A 414 10.98 -2.57 13.26
N GLU A 415 10.55 -1.34 12.96
CA GLU A 415 9.90 -0.52 13.99
C GLU A 415 8.63 -1.19 14.51
N PHE A 416 7.89 -1.89 13.63
CA PHE A 416 6.69 -2.60 14.08
C PHE A 416 7.06 -3.83 14.88
N ARG A 417 8.04 -4.60 14.42
CA ARG A 417 8.45 -5.80 15.13
C ARG A 417 8.97 -5.47 16.53
N GLN A 418 9.83 -4.46 16.61
CA GLN A 418 10.39 -4.09 17.91
C GLN A 418 9.30 -3.60 18.86
N THR A 419 8.27 -2.93 18.35
CA THR A 419 7.18 -2.48 19.20
C THR A 419 6.29 -3.65 19.59
N PHE A 420 6.07 -4.58 18.67
CA PHE A 420 5.29 -5.76 19.03
C PHE A 420 5.94 -6.52 20.18
N ARG A 421 7.27 -6.66 20.16
CA ARG A 421 7.95 -7.40 21.21
C ARG A 421 7.81 -6.71 22.55
N LYS A 422 8.03 -5.39 22.60
CA LYS A 422 7.85 -4.66 23.85
C LYS A 422 6.45 -4.86 24.40
N ILE A 423 5.43 -4.74 23.55
CA ILE A 423 4.05 -4.88 24.00
C ILE A 423 3.82 -6.27 24.58
N ILE A 424 4.24 -7.30 23.86
CA ILE A 424 4.03 -8.67 24.33
C ILE A 424 4.90 -8.96 25.55
N ARG A 425 6.22 -8.78 25.40
CA ARG A 425 7.16 -9.05 26.50
C ARG A 425 6.63 -8.50 27.82
N SER A 426 6.25 -7.22 27.83
CA SER A 426 5.81 -6.56 29.05
C SER A 426 4.45 -7.07 29.51
N HIS A 427 3.42 -6.78 28.73
CA HIS A 427 2.04 -6.95 29.20
C HIS A 427 1.69 -8.41 29.43
N VAL A 428 1.91 -9.26 28.42
CA VAL A 428 1.68 -10.69 28.60
C VAL A 428 3.01 -11.37 28.94
#